data_6U1U
#
_entry.id   6U1U
#
_cell.length_a   132.568
_cell.length_b   135.300
_cell.length_c   39.509
_cell.angle_alpha   90.000
_cell.angle_beta   90.000
_cell.angle_gamma   90.000
#
_symmetry.space_group_name_H-M   'C 2 2 21'
#
loop_
_entity.id
_entity.type
_entity.pdbx_description
1 polymer 'Angiopoietin-related protein 4'
2 non-polymer 'PALMITIC ACID'
3 water water
#
_entity_poly.entity_id   1
_entity_poly.type   'polypeptide(L)'
_entity_poly.pdbx_seq_one_letter_code
;PRDCQELFQVGERQSGLFEIQPQGSPPFLVNCKMTSDGGWTVIQRRHDGSVDFNRPWEAYKAGFGDPHGEFWLGLEKVHS
ITGDRNSRLAVQLRDWDGNAELLQFSVHLGGEDTAYSLQLTAPVAGQLGATTVPPSGLSVPFSTWDQDHDLRRDKNCAKS
LSGGWWFGTCSHSNLNGQYFRSIPQQRQKLKKGIFWKTWRGRYYPLQATTMLIQPM
;
_entity_poly.pdbx_strand_id   A
#
# COMPACT_ATOMS: atom_id res chain seq x y z
N PRO A 1 21.34 -10.27 2.35
CA PRO A 1 20.85 -8.90 2.35
C PRO A 1 19.52 -8.80 3.06
N ARG A 2 19.32 -7.75 3.83
CA ARG A 2 18.10 -7.60 4.59
C ARG A 2 16.95 -7.06 3.76
N ASP A 3 17.23 -6.41 2.63
CA ASP A 3 16.18 -5.77 1.87
C ASP A 3 16.79 -5.34 0.53
N CYS A 4 15.95 -4.75 -0.32
CA CYS A 4 16.40 -4.39 -1.67
C CYS A 4 17.49 -3.32 -1.65
N GLN A 5 17.47 -2.42 -0.67
CA GLN A 5 18.53 -1.40 -0.62
C GLN A 5 19.87 -2.04 -0.28
N GLU A 6 19.88 -3.04 0.60
CA GLU A 6 21.12 -3.78 0.82
C GLU A 6 21.59 -4.45 -0.45
N LEU A 7 20.67 -5.03 -1.21
CA LEU A 7 21.07 -5.66 -2.48
C LEU A 7 21.67 -4.63 -3.43
N PHE A 8 21.05 -3.45 -3.48
CA PHE A 8 21.60 -2.35 -4.27
C PHE A 8 23.00 -2.00 -3.80
N GLN A 9 23.20 -1.93 -2.48
CA GLN A 9 24.50 -1.51 -1.94
C GLN A 9 25.61 -2.52 -2.24
N VAL A 10 25.29 -3.81 -2.37
CA VAL A 10 26.30 -4.77 -2.77
C VAL A 10 26.47 -4.85 -4.28
N GLY A 11 25.70 -4.08 -5.06
CA GLY A 11 25.94 -3.96 -6.49
C GLY A 11 24.89 -4.53 -7.41
N GLU A 12 23.73 -4.95 -6.90
CA GLU A 12 22.73 -5.57 -7.77
C GLU A 12 22.04 -4.45 -8.56
N ARG A 13 22.01 -4.59 -9.89
CA ARG A 13 21.46 -3.56 -10.77
C ARG A 13 20.10 -3.90 -11.31
N GLN A 14 19.71 -5.18 -11.29
CA GLN A 14 18.54 -5.61 -12.04
C GLN A 14 17.29 -5.57 -11.15
N SER A 15 16.20 -5.08 -11.73
CA SER A 15 14.88 -5.17 -11.12
C SER A 15 14.30 -6.57 -11.38
N GLY A 16 13.73 -7.16 -10.33
CA GLY A 16 13.20 -8.50 -10.45
C GLY A 16 13.09 -9.13 -9.06
N LEU A 17 13.02 -10.46 -9.06
CA LEU A 17 12.79 -11.21 -7.82
C LEU A 17 14.11 -11.64 -7.20
N PHE A 18 14.28 -11.35 -5.92
CA PHE A 18 15.50 -11.63 -5.17
C PHE A 18 15.19 -12.11 -3.76
N GLU A 19 16.03 -13.01 -3.25
CA GLU A 19 15.90 -13.48 -1.87
C GLU A 19 16.47 -12.44 -0.90
N ILE A 20 15.72 -12.11 0.14
CA ILE A 20 16.20 -11.26 1.23
C ILE A 20 15.89 -11.96 2.53
N GLN A 21 16.51 -11.48 3.60
CA GLN A 21 16.25 -12.04 4.93
C GLN A 21 16.40 -10.95 5.96
N PRO A 22 15.31 -10.23 6.25
CA PRO A 22 15.34 -9.25 7.33
C PRO A 22 15.69 -9.86 8.66
N GLN A 23 16.24 -9.02 9.53
CA GLN A 23 16.52 -9.37 10.91
C GLN A 23 15.31 -10.06 11.53
N GLY A 24 15.52 -11.26 12.06
CA GLY A 24 14.45 -11.95 12.77
C GLY A 24 13.45 -12.68 11.90
N SER A 25 13.64 -12.68 10.59
CA SER A 25 12.68 -13.23 9.65
C SER A 25 13.25 -14.45 8.94
N PRO A 26 12.41 -15.38 8.50
CA PRO A 26 12.85 -16.36 7.50
C PRO A 26 13.18 -15.66 6.19
N PRO A 27 13.93 -16.30 5.29
CA PRO A 27 14.18 -15.68 3.98
C PRO A 27 12.92 -15.69 3.14
N PHE A 28 12.76 -14.70 2.26
CA PHE A 28 11.62 -14.73 1.34
C PHE A 28 11.97 -13.93 0.09
N LEU A 29 11.22 -14.21 -0.96
CA LEU A 29 11.51 -13.64 -2.27
C LEU A 29 10.74 -12.34 -2.42
N VAL A 30 11.42 -11.23 -2.78
CA VAL A 30 10.75 -9.96 -2.96
C VAL A 30 11.01 -9.43 -4.37
N ASN A 31 10.17 -8.48 -4.77
CA ASN A 31 10.36 -7.79 -6.04
C ASN A 31 11.14 -6.52 -5.76
N CYS A 32 12.33 -6.38 -6.33
CA CYS A 32 13.17 -5.20 -6.11
C CYS A 32 13.13 -4.33 -7.34
N LYS A 33 13.11 -3.02 -7.13
CA LYS A 33 13.24 -2.06 -8.21
C LYS A 33 14.51 -1.28 -7.93
N MET A 34 15.50 -1.38 -8.82
CA MET A 34 16.78 -0.70 -8.62
C MET A 34 16.77 0.60 -9.43
N THR A 35 16.96 1.72 -8.75
CA THR A 35 16.81 3.06 -9.32
C THR A 35 18.06 3.86 -9.00
N SER A 36 18.17 5.06 -9.57
CA SER A 36 19.32 5.87 -9.23
C SER A 36 19.33 6.31 -7.78
N ASP A 37 18.16 6.27 -7.10
CA ASP A 37 18.13 6.60 -5.68
C ASP A 37 18.04 5.36 -4.79
N GLY A 38 18.62 4.24 -5.24
CA GLY A 38 18.78 3.06 -4.43
C GLY A 38 17.75 1.99 -4.75
N GLY A 39 17.68 1.02 -3.84
CA GLY A 39 16.83 -0.17 -4.03
C GLY A 39 15.51 0.04 -3.31
N TRP A 40 14.41 -0.30 -4.00
CA TRP A 40 13.06 -0.19 -3.47
C TRP A 40 12.38 -1.55 -3.46
N THR A 41 11.67 -1.87 -2.39
CA THR A 41 10.90 -3.12 -2.38
C THR A 41 9.48 -2.85 -2.87
N VAL A 42 9.02 -3.60 -3.85
CA VAL A 42 7.65 -3.39 -4.34
C VAL A 42 6.72 -4.11 -3.38
N ILE A 43 5.76 -3.39 -2.78
CA ILE A 43 4.85 -4.03 -1.83
C ILE A 43 3.46 -4.25 -2.38
N GLN A 44 3.15 -3.66 -3.53
CA GLN A 44 1.82 -3.83 -4.12
C GLN A 44 1.97 -3.48 -5.59
N ARG A 45 1.28 -4.23 -6.45
CA ARG A 45 1.30 -3.91 -7.88
C ARG A 45 -0.01 -4.38 -8.50
N ARG A 46 -0.68 -3.49 -9.23
CA ARG A 46 -1.97 -3.80 -9.90
C ARG A 46 -1.93 -3.20 -11.30
N HIS A 47 -2.50 -3.89 -12.30
CA HIS A 47 -2.43 -3.37 -13.67
C HIS A 47 -3.44 -4.00 -14.63
N ASP A 48 -4.11 -5.09 -14.23
CA ASP A 48 -5.08 -5.70 -15.15
C ASP A 48 -6.29 -6.38 -14.48
N GLY A 49 -6.40 -6.39 -13.15
CA GLY A 49 -7.52 -7.04 -12.53
C GLY A 49 -7.53 -8.55 -12.56
N SER A 50 -6.38 -9.18 -12.81
CA SER A 50 -6.31 -10.64 -12.83
C SER A 50 -6.31 -11.28 -11.44
N VAL A 51 -5.98 -10.53 -10.38
CA VAL A 51 -5.86 -11.06 -9.02
C VAL A 51 -6.93 -10.45 -8.12
N ASP A 52 -7.64 -11.31 -7.37
CA ASP A 52 -8.68 -10.88 -6.46
C ASP A 52 -8.06 -10.25 -5.22
N PHE A 53 -8.41 -8.99 -4.92
CA PHE A 53 -7.88 -8.31 -3.74
C PHE A 53 -8.89 -8.25 -2.61
N ASN A 54 -10.08 -8.83 -2.80
CA ASN A 54 -11.06 -8.76 -1.72
C ASN A 54 -10.86 -9.95 -0.80
N ARG A 55 -9.86 -9.81 0.07
CA ARG A 55 -9.44 -10.88 0.99
C ARG A 55 -9.43 -10.42 2.45
N PRO A 56 -9.44 -11.39 3.38
CA PRO A 56 -9.49 -11.14 4.80
C PRO A 56 -8.13 -10.80 5.40
N TRP A 57 -8.16 -10.51 6.69
CA TRP A 57 -6.96 -10.07 7.44
C TRP A 57 -5.76 -11.00 7.22
N GLU A 58 -5.98 -12.28 7.37
CA GLU A 58 -4.80 -13.15 7.33
C GLU A 58 -4.12 -13.11 5.97
N ALA A 59 -4.89 -12.91 4.90
CA ALA A 59 -4.28 -12.84 3.58
C ALA A 59 -3.53 -11.53 3.42
N TYR A 60 -4.07 -10.43 3.96
CA TYR A 60 -3.33 -9.18 3.87
C TYR A 60 -2.10 -9.20 4.76
N LYS A 61 -2.15 -9.99 5.82
CA LYS A 61 -0.99 -10.14 6.70
C LYS A 61 0.12 -10.95 6.02
N ALA A 62 -0.26 -12.09 5.40
CA ALA A 62 0.72 -13.00 4.83
C ALA A 62 1.17 -12.63 3.42
N GLY A 63 0.30 -11.95 2.67
CA GLY A 63 0.58 -11.65 1.27
C GLY A 63 -0.18 -12.58 0.34
N PHE A 64 -0.39 -12.14 -0.90
CA PHE A 64 -1.12 -12.92 -1.88
C PHE A 64 -0.84 -12.39 -3.28
N GLY A 65 -1.23 -13.20 -4.28
CA GLY A 65 -1.13 -12.81 -5.66
C GLY A 65 0.02 -13.47 -6.40
N ASP A 66 0.36 -12.88 -7.55
CA ASP A 66 1.33 -13.45 -8.49
C ASP A 66 2.59 -12.60 -8.44
N PRO A 67 3.71 -13.11 -7.93
CA PRO A 67 4.94 -12.31 -7.90
C PRO A 67 5.41 -11.84 -9.28
N HIS A 68 5.00 -12.52 -10.36
CA HIS A 68 5.30 -12.06 -11.72
C HIS A 68 4.18 -11.20 -12.31
N GLY A 69 3.15 -10.89 -11.53
CA GLY A 69 2.00 -10.14 -12.02
C GLY A 69 1.47 -9.18 -10.94
N GLU A 70 0.17 -9.18 -10.65
CA GLU A 70 -0.38 -8.34 -9.57
C GLU A 70 -0.23 -9.03 -8.22
N PHE A 71 0.07 -8.26 -7.17
CA PHE A 71 0.28 -8.91 -5.89
C PHE A 71 0.21 -7.90 -4.75
N TRP A 72 0.09 -8.45 -3.55
CA TRP A 72 0.26 -7.74 -2.29
C TRP A 72 1.34 -8.49 -1.51
N LEU A 73 2.45 -7.81 -1.16
CA LEU A 73 3.59 -8.55 -0.56
C LEU A 73 3.20 -9.15 0.79
N GLY A 74 2.47 -8.40 1.60
CA GLY A 74 2.06 -8.94 2.93
C GLY A 74 2.60 -8.02 4.02
N LEU A 75 1.70 -7.63 4.92
CA LEU A 75 2.06 -6.65 5.94
C LEU A 75 3.16 -7.17 6.87
N GLU A 76 3.13 -8.45 7.24
CA GLU A 76 4.18 -8.92 8.15
C GLU A 76 5.54 -8.86 7.45
N LYS A 77 5.55 -9.19 6.16
CA LYS A 77 6.81 -9.07 5.41
C LYS A 77 7.24 -7.62 5.28
N VAL A 78 6.30 -6.71 5.01
CA VAL A 78 6.68 -5.30 4.91
C VAL A 78 7.22 -4.79 6.24
N HIS A 79 6.55 -5.11 7.34
CA HIS A 79 7.05 -4.64 8.63
C HIS A 79 8.39 -5.30 8.98
N SER A 80 8.63 -6.53 8.53
CA SER A 80 9.96 -7.09 8.81
C SER A 80 11.05 -6.30 8.10
N ILE A 81 10.72 -5.72 6.96
CA ILE A 81 11.67 -4.91 6.22
C ILE A 81 11.84 -3.53 6.87
N THR A 82 10.73 -2.87 7.24
CA THR A 82 10.85 -1.54 7.82
C THR A 82 11.36 -1.55 9.24
N GLY A 83 11.04 -2.58 10.02
CA GLY A 83 11.19 -2.48 11.46
C GLY A 83 10.53 -1.21 11.97
N ASP A 84 11.20 -0.57 12.93
CA ASP A 84 10.80 0.74 13.43
C ASP A 84 11.42 1.91 12.67
N ARG A 85 12.03 1.68 11.52
CA ARG A 85 12.74 2.76 10.85
C ARG A 85 11.79 3.68 10.11
N ASN A 86 12.16 4.95 10.05
CA ASN A 86 11.57 5.88 9.08
C ASN A 86 11.83 5.34 7.69
N SER A 87 10.80 5.34 6.84
CA SER A 87 10.86 4.70 5.53
C SER A 87 10.23 5.61 4.50
N ARG A 88 10.73 5.55 3.27
CA ARG A 88 10.08 6.24 2.16
C ARG A 88 9.05 5.31 1.54
N LEU A 89 7.83 5.80 1.39
CA LEU A 89 6.74 5.04 0.75
C LEU A 89 6.42 5.72 -0.58
N ALA A 90 6.70 5.08 -1.69
CA ALA A 90 6.39 5.61 -3.01
C ALA A 90 5.05 5.05 -3.49
N VAL A 91 4.20 5.92 -4.02
CA VAL A 91 2.88 5.53 -4.50
C VAL A 91 2.80 5.97 -5.94
N GLN A 92 2.59 5.03 -6.85
CA GLN A 92 2.61 5.34 -8.28
C GLN A 92 1.27 4.96 -8.89
N LEU A 93 0.66 5.90 -9.60
CA LEU A 93 -0.70 5.77 -10.10
C LEU A 93 -0.72 6.01 -11.61
N ARG A 94 -1.61 5.28 -12.31
CA ARG A 94 -1.72 5.42 -13.76
C ARG A 94 -3.20 5.53 -14.12
N ASP A 95 -3.54 6.47 -15.01
CA ASP A 95 -4.94 6.59 -15.37
C ASP A 95 -5.13 5.94 -16.74
N TRP A 96 -6.34 6.02 -17.25
CA TRP A 96 -6.66 5.29 -18.46
C TRP A 96 -6.25 6.02 -19.72
N ASP A 97 -5.72 7.22 -19.59
CA ASP A 97 -5.07 7.89 -20.70
C ASP A 97 -3.56 7.77 -20.67
N GLY A 98 -3.02 6.90 -19.80
CA GLY A 98 -1.59 6.69 -19.74
C GLY A 98 -0.81 7.68 -18.90
N ASN A 99 -1.46 8.66 -18.28
CA ASN A 99 -0.76 9.57 -17.38
C ASN A 99 -0.36 8.82 -16.12
N ALA A 100 0.84 9.09 -15.63
CA ALA A 100 1.28 8.54 -14.35
C ALA A 100 1.50 9.66 -13.34
N GLU A 101 1.19 9.34 -12.06
CA GLU A 101 1.38 10.25 -10.95
C GLU A 101 2.27 9.57 -9.92
N LEU A 102 3.41 10.18 -9.59
CA LEU A 102 4.42 9.57 -8.71
C LEU A 102 4.51 10.39 -7.43
N LEU A 103 4.10 9.78 -6.32
CA LEU A 103 4.07 10.38 -5.00
C LEU A 103 5.06 9.67 -4.09
N GLN A 104 5.58 10.40 -3.10
CA GLN A 104 6.45 9.79 -2.11
C GLN A 104 6.18 10.45 -0.77
N PHE A 105 6.15 9.63 0.27
CA PHE A 105 5.88 10.13 1.63
C PHE A 105 6.80 9.43 2.61
N SER A 106 7.22 10.13 3.64
CA SER A 106 7.98 9.48 4.71
C SER A 106 7.00 8.92 5.72
N VAL A 107 7.13 7.65 6.07
CA VAL A 107 6.21 6.99 7.01
C VAL A 107 6.99 6.16 8.01
N HIS A 108 6.32 5.82 9.12
CA HIS A 108 6.67 4.65 9.91
C HIS A 108 5.53 3.65 9.81
N LEU A 109 5.86 2.37 10.02
CA LEU A 109 4.86 1.31 9.94
C LEU A 109 4.94 0.50 11.21
N GLY A 110 3.84 0.42 11.93
CA GLY A 110 3.82 -0.41 13.11
C GLY A 110 3.63 -1.90 12.80
N GLY A 111 3.91 -2.73 13.81
CA GLY A 111 3.72 -4.16 13.68
C GLY A 111 2.28 -4.60 13.92
N GLU A 112 2.09 -5.92 14.03
CA GLU A 112 0.72 -6.42 14.09
C GLU A 112 0.02 -5.98 15.37
N ASP A 113 0.79 -5.71 16.43
CA ASP A 113 0.20 -5.22 17.67
C ASP A 113 -0.33 -3.79 17.54
N THR A 114 -0.05 -3.10 16.42
CA THR A 114 -0.71 -1.84 16.08
C THR A 114 -1.72 -2.00 14.94
N ALA A 115 -2.11 -3.23 14.59
CA ALA A 115 -2.87 -3.49 13.37
C ALA A 115 -2.14 -2.90 12.16
N TYR A 116 -0.81 -3.01 12.15
CA TYR A 116 0.03 -2.51 11.06
C TYR A 116 -0.29 -1.06 10.71
N SER A 117 -0.31 -0.21 11.73
CA SER A 117 -0.67 1.20 11.55
C SER A 117 0.39 1.95 10.76
N LEU A 118 -0.09 2.80 9.86
CA LEU A 118 0.76 3.79 9.22
C LEU A 118 0.84 4.98 10.16
N GLN A 119 2.06 5.34 10.51
CA GLN A 119 2.33 6.40 11.47
C GLN A 119 2.89 7.59 10.72
N LEU A 120 2.12 8.67 10.72
CA LEU A 120 2.48 9.85 9.94
C LEU A 120 2.82 11.04 10.84
N THR A 121 3.84 11.82 10.48
CA THR A 121 4.03 13.11 11.16
C THR A 121 2.97 14.11 10.72
N ALA A 122 2.83 15.21 11.46
CA ALA A 122 1.82 16.18 11.03
C ALA A 122 2.09 16.80 9.65
N PRO A 123 3.32 17.15 9.28
CA PRO A 123 3.54 17.61 7.91
C PRO A 123 3.17 16.57 6.85
N VAL A 124 3.48 15.29 7.07
CA VAL A 124 3.13 14.28 6.06
C VAL A 124 1.61 14.10 5.97
N ALA A 125 0.94 14.02 7.13
CA ALA A 125 -0.52 13.98 7.09
C ALA A 125 -1.06 15.18 6.34
N GLY A 126 -0.39 16.33 6.47
CA GLY A 126 -0.83 17.50 5.71
C GLY A 126 -0.67 17.30 4.21
N GLN A 127 0.44 16.68 3.79
CA GLN A 127 0.62 16.37 2.37
C GLN A 127 -0.51 15.52 1.84
N LEU A 128 -1.09 14.68 2.70
CA LEU A 128 -2.14 13.78 2.29
C LEU A 128 -3.52 14.41 2.37
N GLY A 129 -3.62 15.65 2.87
CA GLY A 129 -4.88 16.35 2.91
C GLY A 129 -5.44 16.62 4.29
N ALA A 130 -4.85 16.07 5.34
CA ALA A 130 -5.36 16.36 6.68
C ALA A 130 -4.97 17.79 7.08
N THR A 131 -5.92 18.58 7.58
CA THR A 131 -5.60 19.97 7.91
C THR A 131 -5.33 20.25 9.38
N THR A 132 -5.85 19.44 10.30
CA THR A 132 -5.73 19.75 11.72
C THR A 132 -5.17 18.50 12.39
N VAL A 133 -3.84 18.40 12.42
CA VAL A 133 -3.14 17.26 12.99
C VAL A 133 -2.16 17.80 14.03
N PRO A 134 -2.11 17.23 15.22
CA PRO A 134 -1.18 17.74 16.25
C PRO A 134 0.23 17.33 15.94
N PRO A 135 1.25 17.98 16.52
CA PRO A 135 2.65 17.58 16.26
C PRO A 135 2.93 16.13 16.52
N SER A 136 2.13 15.48 17.38
CA SER A 136 2.34 14.08 17.64
C SER A 136 2.00 13.21 16.44
N GLY A 137 1.26 13.76 15.47
CA GLY A 137 1.02 13.07 14.21
C GLY A 137 -0.29 12.29 14.21
N LEU A 138 -0.34 11.32 13.31
CA LEU A 138 -1.56 10.56 13.02
C LEU A 138 -1.17 9.10 12.87
N SER A 139 -1.94 8.19 13.47
CA SER A 139 -1.73 6.75 13.32
C SER A 139 -3.00 6.18 12.69
N VAL A 140 -2.88 5.45 11.59
CA VAL A 140 -4.03 4.91 10.88
C VAL A 140 -3.86 3.40 10.79
N PRO A 141 -4.72 2.60 11.43
CA PRO A 141 -4.58 1.15 11.33
C PRO A 141 -5.00 0.62 9.96
N PHE A 142 -4.47 -0.56 9.63
CA PHE A 142 -4.96 -1.28 8.46
C PHE A 142 -6.28 -1.97 8.79
N SER A 143 -7.18 -2.05 7.80
CA SER A 143 -8.47 -2.72 8.04
C SER A 143 -8.85 -3.61 6.87
N THR A 144 -9.48 -4.75 7.19
CA THR A 144 -10.08 -5.66 6.21
C THR A 144 -11.52 -5.91 6.66
N TRP A 145 -12.30 -6.59 5.82
CA TRP A 145 -13.73 -6.70 6.14
C TRP A 145 -13.95 -7.45 7.45
N ASP A 146 -13.06 -8.39 7.78
CA ASP A 146 -13.21 -9.16 9.01
C ASP A 146 -12.48 -8.56 10.20
N GLN A 147 -11.74 -7.46 10.02
CA GLN A 147 -10.97 -6.83 11.08
C GLN A 147 -10.95 -5.35 10.73
N ASP A 148 -12.08 -4.68 10.92
CA ASP A 148 -12.20 -3.29 10.51
C ASP A 148 -12.18 -2.38 11.73
N HIS A 149 -11.50 -1.25 11.60
CA HIS A 149 -11.21 -0.39 12.75
C HIS A 149 -12.08 0.88 12.82
N ASP A 150 -13.10 0.99 11.97
CA ASP A 150 -14.01 2.12 12.09
C ASP A 150 -14.68 2.09 13.47
N LEU A 151 -14.55 3.20 14.22
CA LEU A 151 -15.05 3.19 15.60
C LEU A 151 -16.56 3.24 15.65
N ARG A 152 -17.20 3.79 14.61
CA ARG A 152 -18.66 3.85 14.57
C ARG A 152 -19.23 2.43 14.57
N ARG A 153 -19.96 2.09 15.64
CA ARG A 153 -20.59 0.78 15.69
C ARG A 153 -21.56 0.58 14.55
N ASP A 154 -22.01 1.65 13.95
CA ASP A 154 -22.94 1.51 12.83
C ASP A 154 -22.20 0.98 11.60
N LYS A 155 -20.87 1.16 11.52
CA LYS A 155 -20.16 1.07 10.23
C LYS A 155 -18.91 0.19 10.13
N ASN A 156 -18.60 -0.25 8.92
CA ASN A 156 -17.45 -1.09 8.59
C ASN A 156 -16.95 -0.63 7.23
N CYS A 157 -15.84 0.10 7.22
CA CYS A 157 -15.39 0.71 5.98
C CYS A 157 -14.92 -0.35 4.97
N ALA A 158 -14.11 -1.31 5.41
CA ALA A 158 -13.61 -2.30 4.46
C ALA A 158 -14.75 -3.13 3.87
N LYS A 159 -15.73 -3.47 4.69
CA LYS A 159 -16.84 -4.25 4.15
C LYS A 159 -17.66 -3.45 3.15
N SER A 160 -17.85 -2.15 3.40
CA SER A 160 -18.64 -1.36 2.48
C SER A 160 -17.91 -1.12 1.17
N LEU A 161 -16.58 -1.11 1.20
CA LEU A 161 -15.85 -0.98 -0.05
C LEU A 161 -15.36 -2.35 -0.51
N SER A 162 -14.06 -2.51 -0.66
CA SER A 162 -13.50 -3.79 -1.09
C SER A 162 -12.04 -3.80 -0.72
N GLY A 163 -11.50 -4.96 -0.38
CA GLY A 163 -10.06 -5.02 -0.16
C GLY A 163 -9.66 -4.62 1.25
N GLY A 164 -8.35 -4.41 1.41
CA GLY A 164 -7.79 -4.03 2.69
C GLY A 164 -6.97 -2.75 2.52
N TRP A 165 -7.09 -1.87 3.49
CA TRP A 165 -6.44 -0.57 3.33
C TRP A 165 -6.29 0.13 4.66
N TRP A 166 -5.48 1.19 4.65
CA TRP A 166 -5.36 2.12 5.78
C TRP A 166 -6.46 3.16 5.60
N PHE A 167 -7.67 2.77 6.00
CA PHE A 167 -8.85 3.61 5.78
C PHE A 167 -8.87 4.71 6.86
N GLY A 168 -8.08 5.77 6.66
CA GLY A 168 -8.10 6.88 7.62
C GLY A 168 -9.44 7.64 7.61
N THR A 169 -10.00 7.81 6.44
CA THR A 169 -11.43 7.99 6.22
C THR A 169 -11.84 6.87 5.26
N CYS A 170 -13.10 6.85 4.92
CA CYS A 170 -13.50 5.92 3.88
C CYS A 170 -13.52 6.60 2.53
N SER A 171 -12.89 7.79 2.41
CA SER A 171 -13.00 8.63 1.23
C SER A 171 -11.69 9.15 0.67
N HIS A 172 -10.54 8.76 1.24
CA HIS A 172 -9.26 9.31 0.79
C HIS A 172 -8.66 8.53 -0.36
N SER A 173 -8.56 7.21 -0.19
CA SER A 173 -7.92 6.35 -1.17
C SER A 173 -8.21 4.90 -0.82
N ASN A 174 -7.98 4.04 -1.80
CA ASN A 174 -8.00 2.60 -1.62
C ASN A 174 -7.37 2.00 -2.85
N LEU A 175 -6.07 1.69 -2.82
CA LEU A 175 -5.48 1.12 -4.01
C LEU A 175 -5.70 -0.39 -4.09
N ASN A 176 -6.39 -0.96 -3.11
CA ASN A 176 -6.65 -2.39 -3.04
C ASN A 176 -8.13 -2.69 -3.30
N GLY A 177 -8.87 -1.77 -3.93
CA GLY A 177 -10.28 -2.00 -4.20
C GLY A 177 -10.47 -2.89 -5.43
N GLN A 178 -11.73 -2.97 -5.88
CA GLN A 178 -12.07 -3.87 -6.98
C GLN A 178 -11.59 -3.26 -8.30
N TYR A 179 -10.93 -4.06 -9.13
CA TYR A 179 -10.44 -3.59 -10.42
C TYR A 179 -11.61 -3.44 -11.38
N PHE A 180 -11.72 -2.28 -12.05
CA PHE A 180 -12.75 -1.97 -13.03
C PHE A 180 -12.11 -1.53 -14.34
N ARG A 181 -12.62 -2.05 -15.44
CA ARG A 181 -12.19 -1.58 -16.75
C ARG A 181 -13.08 -0.49 -17.33
N SER A 182 -14.29 -0.38 -16.79
CA SER A 182 -15.30 0.58 -17.27
C SER A 182 -16.14 1.11 -16.11
N ILE A 183 -17.04 2.02 -16.46
CA ILE A 183 -17.96 2.68 -15.51
C ILE A 183 -19.08 1.72 -15.19
N PRO A 184 -19.20 1.24 -13.93
CA PRO A 184 -20.29 0.40 -13.46
C PRO A 184 -21.59 1.23 -13.43
N GLN A 185 -22.74 0.53 -13.50
CA GLN A 185 -24.11 1.11 -13.53
C GLN A 185 -24.27 2.33 -12.60
N GLN A 186 -23.69 2.29 -11.40
CA GLN A 186 -23.83 3.42 -10.45
C GLN A 186 -22.47 3.75 -9.81
N ARG A 187 -22.36 4.91 -9.15
CA ARG A 187 -21.10 5.30 -8.51
C ARG A 187 -21.04 4.28 -7.37
N GLN A 188 -22.10 3.45 -7.25
CA GLN A 188 -22.17 2.45 -6.18
C GLN A 188 -21.14 1.37 -6.34
N LYS A 189 -20.78 1.09 -7.59
CA LYS A 189 -19.75 0.07 -7.79
C LYS A 189 -18.42 0.78 -7.73
N LEU A 190 -18.27 1.90 -8.44
CA LEU A 190 -16.99 2.61 -8.49
C LEU A 190 -16.53 3.04 -7.10
N LYS A 191 -17.48 3.24 -6.19
CA LYS A 191 -17.13 3.45 -4.77
C LYS A 191 -16.25 2.33 -4.23
N LYS A 192 -16.43 1.11 -4.71
CA LYS A 192 -15.60 -0.01 -4.25
C LYS A 192 -14.34 -0.18 -5.07
N GLY A 193 -13.98 0.81 -5.89
CA GLY A 193 -12.89 0.68 -6.84
C GLY A 193 -11.52 1.08 -6.30
N ILE A 194 -10.59 1.23 -7.23
CA ILE A 194 -9.19 1.58 -6.98
C ILE A 194 -9.09 3.09 -7.17
N PHE A 195 -8.97 3.84 -6.08
CA PHE A 195 -9.05 5.29 -6.23
C PHE A 195 -8.02 5.99 -5.37
N TRP A 196 -7.69 7.22 -5.74
CA TRP A 196 -6.84 8.17 -4.97
C TRP A 196 -7.55 9.53 -5.20
N LYS A 197 -8.27 9.99 -4.20
CA LYS A 197 -9.26 11.05 -4.43
C LYS A 197 -8.63 12.31 -4.98
N THR A 198 -7.49 12.72 -4.41
CA THR A 198 -6.90 14.00 -4.78
C THR A 198 -6.21 14.03 -6.13
N TRP A 199 -6.04 12.90 -6.82
CA TRP A 199 -5.53 12.95 -8.20
C TRP A 199 -6.70 12.98 -9.20
N ARG A 200 -7.39 11.85 -9.38
CA ARG A 200 -8.41 11.79 -10.42
C ARG A 200 -9.83 11.81 -9.88
N GLY A 201 -10.02 11.86 -8.57
CA GLY A 201 -11.34 11.95 -8.00
C GLY A 201 -11.71 10.68 -7.22
N ARG A 202 -12.74 10.83 -6.37
CA ARG A 202 -13.19 9.73 -5.52
C ARG A 202 -13.64 8.52 -6.33
N TYR A 203 -14.25 8.73 -7.50
CA TYR A 203 -14.80 7.58 -8.19
C TYR A 203 -14.15 7.33 -9.54
N TYR A 204 -12.94 7.80 -9.73
CA TYR A 204 -12.19 7.43 -10.93
C TYR A 204 -11.49 6.09 -10.68
N PRO A 205 -11.75 5.05 -11.48
CA PRO A 205 -11.07 3.75 -11.28
C PRO A 205 -9.71 3.76 -11.97
N LEU A 206 -8.64 3.61 -11.18
CA LEU A 206 -7.30 3.70 -11.75
C LEU A 206 -6.95 2.47 -12.57
N GLN A 207 -6.08 2.69 -13.55
CA GLN A 207 -5.70 1.60 -14.44
C GLN A 207 -4.59 0.74 -13.84
N ALA A 208 -3.67 1.35 -13.07
CA ALA A 208 -2.53 0.61 -12.54
C ALA A 208 -2.02 1.34 -11.31
N THR A 209 -1.45 0.57 -10.37
CA THR A 209 -0.88 1.12 -9.15
C THR A 209 0.39 0.37 -8.83
N THR A 210 1.35 1.06 -8.20
CA THR A 210 2.51 0.40 -7.61
C THR A 210 2.83 1.12 -6.31
N MET A 211 3.11 0.36 -5.26
CA MET A 211 3.59 0.94 -4.00
C MET A 211 4.95 0.35 -3.68
N LEU A 212 5.90 1.20 -3.29
CA LEU A 212 7.25 0.72 -3.01
C LEU A 212 7.72 1.32 -1.70
N ILE A 213 8.62 0.61 -1.01
CA ILE A 213 9.14 1.09 0.25
C ILE A 213 10.66 1.03 0.24
N GLN A 214 11.28 2.01 0.94
CA GLN A 214 12.73 2.06 1.09
C GLN A 214 13.00 2.58 2.49
N PRO A 215 13.34 1.71 3.43
CA PRO A 215 13.69 2.19 4.78
C PRO A 215 14.88 3.12 4.74
N MET A 216 14.77 4.16 5.59
CA MET A 216 15.67 5.27 5.94
C MET A 216 15.49 6.51 5.08
#